data_8OGN
#
_entry.id   8OGN
#
_cell.length_a   118.810
_cell.length_b   38.970
_cell.length_c   68.400
_cell.angle_alpha   90.000
_cell.angle_beta   95.490
_cell.angle_gamma   90.000
#
_symmetry.space_group_name_H-M   'C 1 2 1'
#
loop_
_entity.id
_entity.type
_entity.pdbx_description
1 polymer 'Cyclic di-AMP synthase CdaA'
2 non-polymer [1,2]thiazolo[5,4-b]pyridin-3-amine
3 non-polymer 'MAGNESIUM ION'
4 water water
#
_entity_poly.entity_id   1
_entity_poly.type   'polypeptide(L)'
_entity_poly.pdbx_seq_one_letter_code
;GPTPVEEAQQKTIEAITKAINYMAKRRIGALLTIERDTGMGDYIETGIPLNAKVSSELLINIFIPNTPLHDGAVIMKNNE
IAAAACYLPLSESPFISKELGTRHRAAVGISEVTDSLTIIVSEETGGVSVAKNGDLHRELTEEALKEMLEAEFK
;
_entity_poly.pdbx_strand_id   A,B
#
loop_
_chem_comp.id
_chem_comp.type
_chem_comp.name
_chem_comp.formula
MG non-polymer 'MAGNESIUM ION' 'Mg 2'
U8O non-polymer [1,2]thiazolo[5,4-b]pyridin-3-amine 'C6 H5 N3 S'
#
# COMPACT_ATOMS: atom_id res chain seq x y z
N THR A 3 -7.50 -18.16 21.06
CA THR A 3 -7.63 -18.97 19.85
C THR A 3 -6.96 -18.23 18.69
N PRO A 4 -6.73 -18.92 17.59
CA PRO A 4 -6.21 -18.21 16.41
C PRO A 4 -6.98 -16.98 15.96
N VAL A 5 -8.32 -17.07 15.92
CA VAL A 5 -9.17 -15.97 15.49
C VAL A 5 -8.99 -14.82 16.52
N GLU A 6 -8.91 -15.13 17.82
CA GLU A 6 -8.71 -14.10 18.84
C GLU A 6 -7.34 -13.41 18.68
N GLU A 7 -6.30 -14.22 18.47
CA GLU A 7 -4.98 -13.62 18.25
C GLU A 7 -4.96 -12.74 17.01
N ALA A 8 -5.65 -13.14 15.95
CA ALA A 8 -5.69 -12.37 14.73
C ALA A 8 -6.38 -11.03 14.95
N GLN A 9 -7.51 -11.04 15.67
CA GLN A 9 -8.22 -9.78 15.91
C GLN A 9 -7.37 -8.83 16.74
N GLN A 10 -6.67 -9.36 17.74
CA GLN A 10 -5.84 -8.48 18.55
C GLN A 10 -4.69 -7.92 17.70
N LYS A 11 -4.07 -8.74 16.85
CA LYS A 11 -3.01 -8.22 16.01
C LYS A 11 -3.50 -7.07 15.09
N THR A 12 -4.70 -7.20 14.55
CA THR A 12 -5.30 -6.19 13.73
C THR A 12 -5.58 -4.89 14.51
N ILE A 13 -6.12 -5.03 15.70
CA ILE A 13 -6.37 -3.83 16.57
C ILE A 13 -5.09 -3.06 16.85
N GLU A 14 -4.02 -3.84 17.07
CA GLU A 14 -2.70 -3.28 17.33
C GLU A 14 -2.07 -2.66 16.13
N ALA A 15 -2.30 -3.22 14.95
CA ALA A 15 -1.85 -2.56 13.73
C ALA A 15 -2.59 -1.24 13.52
N ILE A 16 -3.92 -1.23 13.68
CA ILE A 16 -4.67 -0.03 13.45
C ILE A 16 -4.27 1.06 14.44
N THR A 17 -4.18 0.71 15.74
CA THR A 17 -3.87 1.75 16.70
C THR A 17 -2.47 2.35 16.46
N LYS A 18 -1.48 1.48 16.13
CA LYS A 18 -0.16 2.04 15.79
C LYS A 18 -0.21 2.99 14.61
N ALA A 19 -0.96 2.62 13.55
CA ALA A 19 -1.05 3.52 12.40
C ALA A 19 -1.74 4.85 12.77
N ILE A 20 -2.87 4.76 13.50
CA ILE A 20 -3.61 5.94 13.86
C ILE A 20 -2.76 6.87 14.73
N ASN A 21 -1.97 6.28 15.61
CA ASN A 21 -1.12 7.13 16.50
C ASN A 21 -0.06 7.87 15.68
N TYR A 22 0.51 7.17 14.69
CA TYR A 22 1.49 7.83 13.80
C TYR A 22 0.87 8.96 13.03
N MET A 23 -0.31 8.71 12.46
CA MET A 23 -1.05 9.74 11.68
C MET A 23 -1.39 10.90 12.62
N ALA A 24 -1.93 10.65 13.81
CA ALA A 24 -2.36 11.71 14.73
C ALA A 24 -1.19 12.62 15.06
N LYS A 25 -0.03 12.05 15.33
CA LYS A 25 1.16 12.82 15.67
C LYS A 25 1.57 13.81 14.55
N ARG A 26 1.40 13.38 13.33
CA ARG A 26 1.80 14.14 12.15
C ARG A 26 0.70 14.89 11.50
N ARG A 27 -0.54 14.81 12.08
CA ARG A 27 -1.71 15.49 11.54
C ARG A 27 -1.90 15.12 10.06
N ILE A 28 -1.85 13.83 9.79
CA ILE A 28 -2.15 13.23 8.47
C ILE A 28 -3.63 12.83 8.52
N GLY A 29 -4.43 13.37 7.60
CA GLY A 29 -5.85 13.05 7.56
C GLY A 29 -6.01 11.62 7.16
N ALA A 30 -6.99 10.91 7.81
CA ALA A 30 -7.19 9.53 7.49
C ALA A 30 -8.66 9.18 7.73
N LEU A 31 -9.14 8.15 7.04
CA LEU A 31 -10.52 7.69 7.09
C LEU A 31 -10.47 6.20 6.92
N LEU A 32 -10.84 5.43 7.93
CA LEU A 32 -10.69 3.99 7.95
C LEU A 32 -12.00 3.37 8.44
N THR A 33 -12.71 2.71 7.58
CA THR A 33 -14.01 2.11 7.90
C THR A 33 -13.87 0.64 8.07
N ILE A 34 -14.44 0.01 9.09
CA ILE A 34 -14.41 -1.38 9.34
C ILE A 34 -15.78 -1.98 9.11
N GLU A 35 -15.95 -2.78 8.04
CA GLU A 35 -17.26 -3.38 7.80
C GLU A 35 -17.58 -4.31 8.92
N ARG A 36 -18.89 -4.32 9.27
CA ARG A 36 -19.42 -5.22 10.27
C ARG A 36 -20.50 -6.08 9.66
N ASP A 37 -21.75 -6.12 10.26
CA ASP A 37 -22.72 -7.03 9.68
C ASP A 37 -23.31 -6.51 8.41
N THR A 38 -23.41 -5.20 8.27
CA THR A 38 -24.00 -4.65 7.07
C THR A 38 -22.92 -4.70 5.98
N GLY A 39 -23.30 -5.24 4.83
CA GLY A 39 -22.32 -5.42 3.73
C GLY A 39 -22.03 -4.09 3.07
N MET A 40 -20.76 -3.86 2.73
CA MET A 40 -20.39 -2.57 2.17
C MET A 40 -19.75 -2.75 0.81
N GLY A 41 -20.11 -3.81 0.13
CA GLY A 41 -19.48 -4.07 -1.17
C GLY A 41 -19.65 -2.96 -2.18
N ASP A 42 -20.80 -2.29 -2.19
CA ASP A 42 -21.01 -1.20 -3.14
C ASP A 42 -20.04 -0.04 -2.89
N TYR A 43 -19.65 0.21 -1.65
CA TYR A 43 -18.65 1.24 -1.37
C TYR A 43 -17.23 0.73 -1.65
N ILE A 44 -16.97 -0.51 -1.32
CA ILE A 44 -15.64 -1.08 -1.62
C ILE A 44 -15.37 -1.01 -3.13
N GLU A 45 -16.40 -1.22 -3.94
CA GLU A 45 -16.27 -1.24 -5.38
C GLU A 45 -15.82 0.10 -5.92
N THR A 46 -16.03 1.20 -5.18
CA THR A 46 -15.70 2.50 -5.70
C THR A 46 -14.19 2.82 -5.57
N GLY A 47 -13.45 2.02 -4.82
CA GLY A 47 -12.06 2.28 -4.53
C GLY A 47 -11.11 1.47 -5.38
N ILE A 48 -9.85 1.53 -5.02
CA ILE A 48 -8.80 0.72 -5.65
C ILE A 48 -8.72 -0.60 -4.90
N PRO A 49 -8.92 -1.76 -5.53
CA PRO A 49 -8.86 -3.03 -4.83
C PRO A 49 -7.51 -3.35 -4.29
N LEU A 50 -7.40 -3.79 -3.03
CA LEU A 50 -6.17 -4.25 -2.41
C LEU A 50 -6.25 -5.68 -1.93
N ASN A 51 -7.31 -6.06 -1.20
CA ASN A 51 -7.36 -7.38 -0.55
C ASN A 51 -6.08 -7.74 0.13
N ALA A 52 -5.55 -6.84 0.93
CA ALA A 52 -4.22 -6.89 1.50
C ALA A 52 -4.21 -7.25 2.97
N LYS A 53 -3.21 -7.92 3.42
CA LYS A 53 -3.01 -8.23 4.84
C LYS A 53 -2.91 -6.83 5.54
N VAL A 54 -3.48 -6.74 6.77
CA VAL A 54 -3.32 -5.51 7.52
C VAL A 54 -1.94 -5.41 8.12
N SER A 55 -1.33 -4.25 8.05
CA SER A 55 -0.15 -3.92 8.81
C SER A 55 -0.21 -2.44 9.13
N SER A 56 0.44 -2.02 10.22
CA SER A 56 0.53 -0.58 10.49
C SER A 56 1.27 0.12 9.36
N GLU A 57 2.30 -0.56 8.84
CA GLU A 57 3.10 0.05 7.77
C GLU A 57 2.25 0.34 6.53
N LEU A 58 1.44 -0.63 6.10
CA LEU A 58 0.63 -0.40 4.91
C LEU A 58 -0.38 0.71 5.14
N LEU A 59 -1.07 0.66 6.28
CA LEU A 59 -2.03 1.72 6.61
C LEU A 59 -1.37 3.11 6.55
N ILE A 60 -0.20 3.27 7.15
CA ILE A 60 0.51 4.58 7.09
C ILE A 60 0.82 4.92 5.64
N ASN A 61 1.42 3.95 4.85
CA ASN A 61 1.78 4.30 3.48
C ASN A 61 0.59 4.71 2.68
N ILE A 62 -0.60 4.12 2.93
CA ILE A 62 -1.77 4.46 2.15
C ILE A 62 -2.13 5.93 2.29
N PHE A 63 -2.12 6.45 3.54
CA PHE A 63 -2.59 7.78 3.85
C PHE A 63 -1.59 8.92 3.74
N ILE A 64 -0.42 8.69 3.21
CA ILE A 64 0.51 9.77 3.07
C ILE A 64 -0.05 10.84 2.13
N PRO A 65 -0.02 12.12 2.54
CA PRO A 65 -0.54 13.20 1.71
C PRO A 65 0.05 13.25 0.30
N ASN A 66 -0.79 13.64 -0.63
CA ASN A 66 -0.35 13.87 -2.01
C ASN A 66 0.05 12.59 -2.73
N THR A 67 -0.59 11.49 -2.40
CA THR A 67 -0.24 10.19 -2.97
C THR A 67 -1.49 9.64 -3.63
N PRO A 68 -1.36 8.66 -4.54
CA PRO A 68 -2.57 8.13 -5.21
C PRO A 68 -3.67 7.59 -4.29
N LEU A 69 -3.34 6.97 -3.18
CA LEU A 69 -4.36 6.27 -2.37
C LEU A 69 -4.91 7.09 -1.23
N HIS A 70 -4.39 8.29 -1.00
CA HIS A 70 -4.73 8.94 0.29
C HIS A 70 -6.11 9.59 0.27
N ASP A 71 -6.72 9.85 -0.89
CA ASP A 71 -8.02 10.56 -0.91
C ASP A 71 -9.16 9.53 -0.94
N GLY A 72 -9.84 9.43 0.10
CA GLY A 72 -10.96 8.54 0.21
C GLY A 72 -10.75 7.66 1.44
N ALA A 73 -11.65 6.72 1.60
CA ALA A 73 -11.60 5.83 2.75
C ALA A 73 -10.92 4.50 2.44
N VAL A 74 -10.23 3.96 3.41
CA VAL A 74 -9.83 2.57 3.49
C VAL A 74 -11.00 1.78 4.04
N ILE A 75 -11.42 0.70 3.46
CA ILE A 75 -12.47 -0.18 4.00
C ILE A 75 -11.86 -1.50 4.30
N MET A 76 -11.96 -1.96 5.55
CA MET A 76 -11.52 -3.25 5.99
C MET A 76 -12.67 -4.20 6.13
N LYS A 77 -12.43 -5.45 5.77
CA LYS A 77 -13.46 -6.50 5.75
C LYS A 77 -12.72 -7.80 5.96
N ASN A 78 -13.31 -8.68 6.82
CA ASN A 78 -12.73 -10.02 7.08
C ASN A 78 -11.24 -9.92 7.40
N ASN A 79 -10.85 -8.92 8.25
CA ASN A 79 -9.44 -8.88 8.70
C ASN A 79 -8.48 -8.59 7.57
N GLU A 80 -8.93 -7.90 6.49
CA GLU A 80 -8.00 -7.55 5.45
C GLU A 80 -8.35 -6.12 4.96
N ILE A 81 -7.45 -5.34 4.34
CA ILE A 81 -7.80 -4.07 3.74
C ILE A 81 -8.47 -4.37 2.40
N ALA A 82 -9.73 -4.25 2.21
CA ALA A 82 -10.41 -4.63 0.96
C ALA A 82 -10.06 -3.62 -0.10
N ALA A 83 -10.07 -2.34 0.16
CA ALA A 83 -9.84 -1.32 -0.87
C ALA A 83 -9.45 -0.02 -0.25
N ALA A 84 -8.81 0.84 -0.99
CA ALA A 84 -8.50 2.22 -0.52
C ALA A 84 -9.05 3.22 -1.50
N ALA A 85 -9.09 4.48 -1.08
CA ALA A 85 -9.59 5.59 -1.92
C ALA A 85 -11.06 5.36 -2.27
N CYS A 86 -11.84 4.86 -1.31
CA CYS A 86 -13.26 4.57 -1.52
C CYS A 86 -14.18 5.77 -1.25
N TYR A 87 -15.28 5.84 -1.93
CA TYR A 87 -16.29 6.88 -1.72
C TYR A 87 -17.16 6.45 -0.52
N LEU A 88 -17.48 7.41 0.36
CA LEU A 88 -18.44 7.18 1.46
C LEU A 88 -19.46 8.31 1.34
N PRO A 89 -20.74 8.07 1.69
CA PRO A 89 -21.75 9.10 1.55
C PRO A 89 -21.60 10.21 2.61
N LEU A 90 -21.75 11.46 2.22
CA LEU A 90 -21.60 12.56 3.16
C LEU A 90 -22.87 12.73 3.98
N SER A 91 -22.72 12.73 5.31
CA SER A 91 -23.86 13.04 6.17
C SER A 91 -24.37 14.45 5.93
N GLU A 92 -25.68 14.59 6.07
CA GLU A 92 -26.38 15.88 6.11
C GLU A 92 -26.81 16.23 7.53
N SER A 93 -26.26 15.56 8.49
CA SER A 93 -26.70 15.82 9.90
C SER A 93 -26.29 17.20 10.34
N PRO A 94 -27.22 18.01 10.89
CA PRO A 94 -26.90 19.36 11.37
C PRO A 94 -26.18 19.34 12.70
N PHE A 95 -25.88 18.17 13.25
CA PHE A 95 -25.40 18.00 14.61
C PHE A 95 -23.94 17.60 14.68
N ILE A 96 -23.25 17.80 13.64
CA ILE A 96 -21.79 17.57 13.60
C ILE A 96 -21.14 18.91 13.91
N SER A 97 -20.07 18.90 14.69
CA SER A 97 -19.30 20.10 15.01
C SER A 97 -19.01 20.90 13.73
N LYS A 98 -19.34 22.19 13.75
CA LYS A 98 -19.31 22.98 12.52
C LYS A 98 -17.89 23.22 12.03
N GLU A 99 -16.89 22.96 12.89
CA GLU A 99 -15.47 23.15 12.52
C GLU A 99 -14.99 22.00 11.66
N LEU A 100 -15.72 20.89 11.57
CA LEU A 100 -15.26 19.69 10.86
C LEU A 100 -15.68 19.74 9.39
N GLY A 101 -14.86 19.08 8.57
CA GLY A 101 -15.05 19.02 7.13
C GLY A 101 -15.51 17.68 6.60
N THR A 102 -15.26 17.47 5.29
CA THR A 102 -15.79 16.32 4.55
C THR A 102 -15.29 14.96 5.05
N ARG A 103 -14.08 14.77 5.54
CA ARG A 103 -13.63 13.47 6.06
C ARG A 103 -14.59 13.00 7.16
N HIS A 104 -14.91 13.91 8.08
CA HIS A 104 -15.76 13.57 9.23
C HIS A 104 -17.19 13.42 8.75
N ARG A 105 -17.68 14.19 7.80
CA ARG A 105 -19.06 14.03 7.35
C ARG A 105 -19.21 12.74 6.57
N ALA A 106 -18.13 12.30 5.87
CA ALA A 106 -18.17 11.00 5.15
C ALA A 106 -18.26 9.86 6.17
N ALA A 107 -17.47 9.99 7.25
CA ALA A 107 -17.51 8.93 8.29
C ALA A 107 -18.89 8.85 8.96
N VAL A 108 -19.42 10.02 9.31
CA VAL A 108 -20.77 9.97 9.88
C VAL A 108 -21.76 9.44 8.88
N GLY A 109 -21.63 9.87 7.61
CA GLY A 109 -22.55 9.36 6.58
C GLY A 109 -22.63 7.86 6.46
N ILE A 110 -21.48 7.19 6.38
CA ILE A 110 -21.54 5.75 6.23
C ILE A 110 -22.10 5.11 7.49
N SER A 111 -21.80 5.77 8.65
CA SER A 111 -22.30 5.21 9.94
C SER A 111 -23.81 5.37 10.10
N GLU A 112 -24.44 6.15 9.28
CA GLU A 112 -25.93 6.34 9.35
C GLU A 112 -26.66 5.20 8.68
N VAL A 113 -25.99 4.53 7.72
CA VAL A 113 -26.63 3.54 6.88
C VAL A 113 -26.00 2.15 6.98
N THR A 114 -25.06 1.96 7.91
CA THR A 114 -24.43 0.71 8.17
C THR A 114 -24.08 0.64 9.62
N ASP A 115 -23.79 -0.57 10.08
CA ASP A 115 -23.30 -0.78 11.46
C ASP A 115 -21.79 -0.73 11.56
N SER A 116 -21.13 -0.13 10.60
CA SER A 116 -19.67 -0.11 10.58
C SER A 116 -19.14 0.79 11.62
N LEU A 117 -17.82 0.71 11.91
CA LEU A 117 -17.11 1.62 12.76
C LEU A 117 -16.10 2.36 11.88
N THR A 118 -16.08 3.61 11.90
CA THR A 118 -15.12 4.45 11.11
C THR A 118 -14.23 5.18 12.04
N ILE A 119 -12.93 5.24 11.80
CA ILE A 119 -11.96 5.98 12.53
C ILE A 119 -11.47 7.15 11.65
N ILE A 120 -11.40 8.37 12.20
CA ILE A 120 -11.04 9.56 11.47
C ILE A 120 -9.88 10.17 12.16
N VAL A 121 -8.83 10.59 11.38
CA VAL A 121 -7.80 11.45 11.92
C VAL A 121 -7.92 12.79 11.24
N SER A 122 -7.99 13.89 12.04
CA SER A 122 -8.13 15.21 11.48
C SER A 122 -6.77 15.72 10.94
N GLU A 123 -6.79 16.26 9.74
CA GLU A 123 -5.58 16.91 9.24
C GLU A 123 -5.32 18.24 9.83
N GLU A 124 -6.37 18.84 10.46
CA GLU A 124 -6.19 20.14 11.09
C GLU A 124 -5.52 20.00 12.44
N THR A 125 -5.93 19.01 13.23
CA THR A 125 -5.51 18.90 14.61
C THR A 125 -4.80 17.63 15.00
N GLY A 126 -4.86 16.63 14.19
CA GLY A 126 -4.43 15.29 14.56
C GLY A 126 -5.39 14.63 15.56
N GLY A 127 -6.55 15.23 15.83
CA GLY A 127 -7.52 14.58 16.73
C GLY A 127 -8.07 13.33 16.09
N VAL A 128 -8.38 12.35 16.93
CA VAL A 128 -8.88 11.06 16.51
C VAL A 128 -10.32 10.91 16.89
N SER A 129 -11.18 10.54 16.00
CA SER A 129 -12.59 10.38 16.31
C SER A 129 -13.10 9.12 15.74
N VAL A 130 -14.28 8.62 16.17
CA VAL A 130 -14.95 7.44 15.67
C VAL A 130 -16.35 7.73 15.33
N ALA A 131 -16.82 7.32 14.18
CA ALA A 131 -18.21 7.39 13.79
C ALA A 131 -18.88 6.08 13.84
N LYS A 132 -20.06 6.02 14.48
CA LYS A 132 -20.87 4.81 14.65
C LYS A 132 -22.30 5.18 14.93
N ASN A 133 -23.23 4.59 14.22
CA ASN A 133 -24.70 4.79 14.50
C ASN A 133 -25.11 6.18 14.25
N GLY A 134 -24.42 6.98 13.44
CA GLY A 134 -24.80 8.34 13.15
C GLY A 134 -24.15 9.36 14.05
N ASP A 135 -23.41 8.93 15.04
CA ASP A 135 -22.73 9.87 15.95
C ASP A 135 -21.23 9.84 15.81
N LEU A 136 -20.62 10.97 16.12
CA LEU A 136 -19.21 11.13 16.06
C LEU A 136 -18.70 11.27 17.46
N HIS A 137 -17.74 10.51 17.86
CA HIS A 137 -17.11 10.53 19.16
C HIS A 137 -15.76 11.15 19.05
N ARG A 138 -15.54 12.34 19.57
CA ARG A 138 -14.36 13.15 19.23
C ARG A 138 -13.30 13.12 20.30
N GLU A 139 -12.10 13.50 19.91
CA GLU A 139 -11.00 13.76 20.78
C GLU A 139 -10.75 12.54 21.67
N LEU A 140 -10.52 11.41 21.00
CA LEU A 140 -10.29 10.17 21.68
C LEU A 140 -8.83 10.01 22.03
N THR A 141 -8.57 9.49 23.25
CA THR A 141 -7.26 9.01 23.60
C THR A 141 -6.99 7.66 22.95
N GLU A 142 -5.72 7.22 23.06
CA GLU A 142 -5.35 5.89 22.57
C GLU A 142 -6.18 4.80 23.25
N GLU A 143 -6.34 4.96 24.57
CA GLU A 143 -7.07 3.94 25.34
C GLU A 143 -8.52 3.89 24.93
N ALA A 144 -9.13 5.05 24.68
CA ALA A 144 -10.52 5.13 24.28
C ALA A 144 -10.72 4.43 22.92
N LEU A 145 -9.84 4.76 21.98
CA LEU A 145 -9.98 4.09 20.67
C LEU A 145 -9.84 2.57 20.80
N LYS A 146 -8.87 2.08 21.58
CA LYS A 146 -8.69 0.64 21.72
C LYS A 146 -9.93 0.01 22.37
N GLU A 147 -10.53 0.68 23.38
CA GLU A 147 -11.76 0.16 23.96
C GLU A 147 -12.88 0.07 22.96
N MET A 148 -12.98 1.05 22.06
CA MET A 148 -14.00 1.01 21.04
C MET A 148 -13.81 -0.21 20.12
N LEU A 149 -12.55 -0.35 19.69
CA LEU A 149 -12.24 -1.49 18.77
C LEU A 149 -12.50 -2.80 19.43
N GLU A 150 -12.12 -2.96 20.69
CA GLU A 150 -12.30 -4.23 21.40
C GLU A 150 -13.80 -4.53 21.60
N ALA A 151 -14.57 -3.48 21.85
CA ALA A 151 -16.01 -3.62 22.09
C ALA A 151 -16.67 -4.08 20.82
N GLU A 152 -16.13 -3.56 19.68
CA GLU A 152 -16.68 -3.93 18.38
C GLU A 152 -16.31 -5.34 17.91
N PRO B 2 -7.79 -13.49 -26.16
CA PRO B 2 -6.84 -13.74 -25.04
C PRO B 2 -7.52 -14.49 -23.89
N THR B 3 -6.79 -15.35 -23.20
CA THR B 3 -7.35 -16.00 -22.01
C THR B 3 -7.37 -15.03 -20.83
N PRO B 4 -8.12 -15.36 -19.80
CA PRO B 4 -8.03 -14.53 -18.56
C PRO B 4 -6.63 -14.39 -18.00
N VAL B 5 -5.83 -15.46 -18.05
CA VAL B 5 -4.45 -15.40 -17.57
C VAL B 5 -3.65 -14.38 -18.36
N GLU B 6 -3.86 -14.36 -19.66
CA GLU B 6 -3.16 -13.38 -20.49
C GLU B 6 -3.64 -11.97 -20.24
N GLU B 7 -4.94 -11.76 -20.17
CA GLU B 7 -5.44 -10.43 -19.79
C GLU B 7 -4.94 -10.00 -18.45
N ALA B 8 -4.91 -10.91 -17.44
CA ALA B 8 -4.44 -10.47 -16.16
C ALA B 8 -2.98 -10.04 -16.24
N GLN B 9 -2.16 -10.84 -17.00
CA GLN B 9 -0.79 -10.42 -17.14
C GLN B 9 -0.65 -9.02 -17.75
N GLN B 10 -1.47 -8.74 -18.77
CA GLN B 10 -1.40 -7.48 -19.41
C GLN B 10 -1.77 -6.32 -18.48
N LYS B 11 -2.77 -6.57 -17.62
CA LYS B 11 -3.21 -5.55 -16.61
C LYS B 11 -2.08 -5.36 -15.56
N THR B 12 -1.32 -6.41 -15.21
CA THR B 12 -0.20 -6.28 -14.29
C THR B 12 0.96 -5.48 -14.91
N ILE B 13 1.25 -5.73 -16.19
CA ILE B 13 2.35 -4.99 -16.85
C ILE B 13 2.07 -3.44 -16.94
N GLU B 14 0.76 -3.21 -17.25
CA GLU B 14 0.26 -1.87 -17.37
C GLU B 14 0.41 -1.16 -16.02
N ALA B 15 0.02 -1.86 -14.91
CA ALA B 15 0.19 -1.28 -13.58
C ALA B 15 1.64 -0.98 -13.29
N ILE B 16 2.52 -1.95 -13.54
CA ILE B 16 3.93 -1.81 -13.27
C ILE B 16 4.53 -0.66 -14.06
N THR B 17 4.22 -0.63 -15.37
CA THR B 17 4.86 0.44 -16.19
C THR B 17 4.35 1.83 -15.81
N LYS B 18 3.04 1.94 -15.49
CA LYS B 18 2.53 3.25 -15.06
C LYS B 18 3.21 3.69 -13.76
N ALA B 19 3.38 2.75 -12.80
CA ALA B 19 4.06 3.14 -11.55
C ALA B 19 5.51 3.51 -11.75
N ILE B 20 6.26 2.72 -12.56
CA ILE B 20 7.65 2.99 -12.79
C ILE B 20 7.81 4.35 -13.52
N ASN B 21 6.94 4.62 -14.49
CA ASN B 21 7.00 5.88 -15.26
C ASN B 21 6.81 7.08 -14.30
N TYR B 22 5.81 6.98 -13.44
CA TYR B 22 5.56 8.06 -12.43
C TYR B 22 6.78 8.24 -11.52
N MET B 23 7.30 7.14 -10.97
CA MET B 23 8.41 7.30 -10.06
C MET B 23 9.66 7.83 -10.75
N ALA B 24 9.94 7.37 -12.00
CA ALA B 24 11.11 7.90 -12.73
C ALA B 24 11.02 9.39 -12.90
N LYS B 25 9.84 9.92 -13.22
CA LYS B 25 9.67 11.36 -13.44
C LYS B 25 9.99 12.17 -12.18
N ARG B 26 9.64 11.61 -11.01
CA ARG B 26 9.77 12.28 -9.73
C ARG B 26 11.03 11.88 -8.99
N ARG B 27 11.88 11.03 -9.59
CA ARG B 27 13.10 10.61 -8.95
C ARG B 27 12.80 9.92 -7.61
N ILE B 28 11.77 9.07 -7.61
CA ILE B 28 11.41 8.26 -6.46
C ILE B 28 12.14 6.94 -6.64
N GLY B 29 13.07 6.64 -5.75
CA GLY B 29 13.81 5.41 -5.78
C GLY B 29 12.89 4.25 -5.62
N ALA B 30 13.13 3.15 -6.35
CA ALA B 30 12.25 1.99 -6.27
C ALA B 30 12.97 0.73 -6.64
N LEU B 31 12.58 -0.37 -6.10
CA LEU B 31 13.21 -1.66 -6.28
C LEU B 31 12.11 -2.68 -6.32
N LEU B 32 11.84 -3.30 -7.44
CA LEU B 32 10.67 -4.11 -7.69
C LEU B 32 11.11 -5.43 -8.32
N THR B 33 11.05 -6.53 -7.65
CA THR B 33 11.44 -7.83 -8.18
C THR B 33 10.26 -8.66 -8.50
N ILE B 34 10.19 -9.25 -9.68
CA ILE B 34 9.13 -10.09 -10.17
C ILE B 34 9.61 -11.50 -10.12
N GLU B 35 9.05 -12.33 -9.26
CA GLU B 35 9.37 -13.72 -9.19
C GLU B 35 8.96 -14.40 -10.47
N ARG B 36 9.83 -15.32 -10.93
CA ARG B 36 9.51 -16.18 -12.06
C ARG B 36 9.50 -17.60 -11.58
N ASP B 37 10.30 -18.48 -12.21
CA ASP B 37 10.21 -19.90 -11.86
C ASP B 37 11.03 -20.31 -10.65
N THR B 38 12.03 -19.53 -10.25
CA THR B 38 12.77 -19.79 -9.00
C THR B 38 12.03 -19.11 -7.84
N GLY B 39 11.60 -19.91 -6.86
CA GLY B 39 10.86 -19.39 -5.70
C GLY B 39 11.66 -18.41 -4.89
N MET B 40 11.01 -17.31 -4.48
CA MET B 40 11.64 -16.25 -3.72
C MET B 40 11.12 -16.23 -2.27
N GLY B 41 10.51 -17.32 -1.82
CA GLY B 41 9.88 -17.35 -0.48
C GLY B 41 10.78 -16.85 0.62
N ASP B 42 12.05 -17.23 0.65
CA ASP B 42 13.01 -16.85 1.71
C ASP B 42 13.15 -15.34 1.77
N TYR B 43 13.10 -14.67 0.61
CA TYR B 43 13.24 -13.19 0.56
C TYR B 43 11.88 -12.55 0.82
N ILE B 44 10.82 -13.11 0.35
CA ILE B 44 9.45 -12.57 0.65
C ILE B 44 9.26 -12.55 2.17
N GLU B 45 9.72 -13.55 2.88
CA GLU B 45 9.51 -13.68 4.41
C GLU B 45 10.33 -12.69 5.15
N THR B 46 11.30 -11.97 4.57
CA THR B 46 12.03 -10.94 5.24
C THR B 46 11.27 -9.63 5.31
N GLY B 47 10.27 -9.42 4.47
CA GLY B 47 9.56 -8.17 4.34
C GLY B 47 8.26 -8.12 5.14
N ILE B 48 7.52 -7.06 4.88
CA ILE B 48 6.16 -6.91 5.46
C ILE B 48 5.21 -7.60 4.51
N PRO B 49 4.39 -8.56 4.98
CA PRO B 49 3.48 -9.26 4.07
C PRO B 49 2.37 -8.37 3.63
N LEU B 50 2.04 -8.33 2.34
CA LEU B 50 0.91 -7.62 1.79
C LEU B 50 -0.06 -8.57 1.16
N ASN B 51 0.42 -9.46 0.29
CA ASN B 51 -0.41 -10.36 -0.49
C ASN B 51 -1.56 -9.58 -1.16
N ALA B 52 -1.21 -8.44 -1.78
CA ALA B 52 -2.17 -7.50 -2.25
C ALA B 52 -2.39 -7.57 -3.75
N LYS B 53 -3.52 -7.28 -4.23
CA LYS B 53 -3.76 -7.07 -5.68
C LYS B 53 -2.84 -5.96 -6.18
N VAL B 54 -2.26 -6.13 -7.39
CA VAL B 54 -1.31 -5.15 -7.86
C VAL B 54 -2.01 -3.96 -8.52
N SER B 55 -1.78 -2.76 -8.15
CA SER B 55 -2.24 -1.52 -8.75
C SER B 55 -1.07 -0.56 -8.93
N SER B 56 -1.13 0.33 -9.93
CA SER B 56 -0.09 1.34 -10.06
C SER B 56 -0.08 2.21 -8.81
N GLU B 57 -1.30 2.47 -8.31
CA GLU B 57 -1.45 3.38 -7.12
C GLU B 57 -0.75 2.78 -5.89
N LEU B 58 -0.94 1.48 -5.64
CA LEU B 58 -0.32 0.86 -4.48
C LEU B 58 1.22 0.87 -4.63
N LEU B 59 1.72 0.46 -5.85
CA LEU B 59 3.15 0.45 -6.09
C LEU B 59 3.75 1.83 -5.81
N ILE B 60 3.11 2.90 -6.29
CA ILE B 60 3.60 4.24 -6.05
C ILE B 60 3.61 4.56 -4.56
N ASN B 61 2.46 4.28 -3.85
CA ASN B 61 2.40 4.61 -2.42
C ASN B 61 3.45 3.89 -1.63
N ILE B 62 3.84 2.67 -2.00
CA ILE B 62 4.83 1.91 -1.29
C ILE B 62 6.18 2.62 -1.25
N PHE B 63 6.57 3.20 -2.36
CA PHE B 63 7.91 3.72 -2.47
C PHE B 63 8.10 5.19 -2.16
N ILE B 64 7.04 5.86 -1.69
CA ILE B 64 7.19 7.29 -1.36
C ILE B 64 8.27 7.46 -0.31
N PRO B 65 9.23 8.37 -0.51
CA PRO B 65 10.35 8.45 0.41
C PRO B 65 9.90 8.74 1.86
N ASN B 66 10.69 8.23 2.77
CA ASN B 66 10.52 8.48 4.21
C ASN B 66 9.26 7.83 4.79
N THR B 67 8.81 6.75 4.21
CA THR B 67 7.64 6.02 4.68
C THR B 67 8.02 4.65 5.15
N PRO B 68 7.13 3.99 5.93
CA PRO B 68 7.51 2.68 6.45
C PRO B 68 7.89 1.62 5.41
N LEU B 69 7.24 1.62 4.26
CA LEU B 69 7.50 0.55 3.29
C LEU B 69 8.53 0.86 2.22
N HIS B 70 9.11 2.02 2.21
CA HIS B 70 9.88 2.45 1.03
C HIS B 70 11.28 1.84 0.94
N ASP B 71 11.86 1.37 2.03
CA ASP B 71 13.24 0.87 1.96
C ASP B 71 13.21 -0.62 1.88
N GLY B 72 13.86 -1.16 0.90
CA GLY B 72 13.89 -2.57 0.60
C GLY B 72 13.11 -2.82 -0.67
N ALA B 73 13.02 -4.07 -0.99
CA ALA B 73 12.39 -4.48 -2.25
C ALA B 73 10.93 -4.82 -2.17
N VAL B 74 10.18 -4.50 -3.13
CA VAL B 74 8.86 -5.14 -3.35
C VAL B 74 9.07 -6.41 -4.11
N ILE B 75 8.44 -7.47 -3.74
CA ILE B 75 8.48 -8.73 -4.42
C ILE B 75 7.12 -9.08 -4.90
N MET B 76 6.89 -9.22 -6.18
CA MET B 76 5.69 -9.64 -6.85
C MET B 76 5.68 -11.10 -7.20
N LYS B 77 4.50 -11.75 -6.95
CA LYS B 77 4.30 -13.10 -7.39
C LYS B 77 3.07 -13.02 -8.26
N ASN B 78 3.25 -13.27 -9.56
CA ASN B 78 2.26 -13.25 -10.62
C ASN B 78 1.53 -11.91 -10.51
N ASN B 79 0.28 -11.91 -10.13
CA ASN B 79 -0.48 -10.67 -10.14
C ASN B 79 -0.67 -10.10 -8.75
N GLU B 80 0.20 -10.43 -7.83
CA GLU B 80 0.07 -9.93 -6.47
C GLU B 80 1.39 -9.29 -6.04
N ILE B 81 1.29 -8.29 -5.15
CA ILE B 81 2.39 -7.74 -4.42
C ILE B 81 2.53 -8.60 -3.19
N ALA B 82 3.49 -9.51 -3.12
CA ALA B 82 3.58 -10.45 -2.01
C ALA B 82 4.07 -9.74 -0.74
N ALA B 83 5.03 -8.89 -0.79
CA ALA B 83 5.61 -8.23 0.37
C ALA B 83 6.39 -7.00 -0.05
N ALA B 84 6.61 -6.13 0.84
CA ALA B 84 7.40 -4.90 0.64
C ALA B 84 8.48 -4.80 1.71
N ALA B 85 9.49 -3.96 1.46
CA ALA B 85 10.58 -3.80 2.43
C ALA B 85 11.36 -5.07 2.64
N CYS B 86 11.52 -5.85 1.55
CA CYS B 86 12.21 -7.11 1.62
C CYS B 86 13.72 -6.90 1.46
N TYR B 87 14.46 -7.76 2.07
CA TYR B 87 15.91 -7.89 1.89
C TYR B 87 16.20 -8.75 0.66
N LEU B 88 17.19 -8.28 -0.16
CA LEU B 88 17.82 -9.03 -1.22
C LEU B 88 19.31 -9.00 -1.02
N PRO B 89 20.03 -10.04 -1.49
CA PRO B 89 21.48 -10.09 -1.31
C PRO B 89 22.15 -9.09 -2.25
N LEU B 90 23.21 -8.50 -1.76
CA LEU B 90 23.99 -7.53 -2.57
C LEU B 90 25.03 -8.22 -3.47
N SER B 91 24.94 -7.88 -4.75
CA SER B 91 25.98 -8.40 -5.70
C SER B 91 27.32 -7.73 -5.43
N GLU B 92 28.38 -8.50 -5.69
CA GLU B 92 29.77 -8.03 -5.74
C GLU B 92 30.27 -7.90 -7.16
N SER B 93 29.38 -7.93 -8.10
CA SER B 93 29.84 -7.91 -9.53
C SER B 93 30.62 -6.63 -9.76
N PRO B 94 31.70 -6.70 -10.54
CA PRO B 94 32.39 -5.48 -10.92
C PRO B 94 31.73 -4.75 -12.08
N PHE B 95 30.71 -5.28 -12.69
CA PHE B 95 30.03 -4.61 -13.78
C PHE B 95 28.84 -3.75 -13.38
N ILE B 96 28.76 -3.43 -12.11
CA ILE B 96 27.80 -2.46 -11.64
C ILE B 96 28.49 -1.12 -11.55
N SER B 97 27.97 -0.12 -12.28
CA SER B 97 28.56 1.20 -12.32
C SER B 97 28.87 1.71 -10.92
N LYS B 98 30.08 2.20 -10.69
CA LYS B 98 30.54 2.51 -9.33
C LYS B 98 29.66 3.54 -8.66
N GLU B 99 29.03 4.44 -9.40
CA GLU B 99 28.22 5.49 -8.76
C GLU B 99 26.91 4.95 -8.19
N LEU B 100 26.50 3.75 -8.52
CA LEU B 100 25.20 3.19 -8.13
C LEU B 100 25.22 2.75 -6.70
N GLY B 101 24.07 2.91 -6.10
CA GLY B 101 23.89 2.53 -4.72
C GLY B 101 23.32 1.15 -4.46
N THR B 102 22.83 1.00 -3.24
CA THR B 102 22.43 -0.33 -2.77
C THR B 102 21.25 -0.92 -3.51
N ARG B 103 20.27 -0.14 -3.98
CA ARG B 103 19.13 -0.73 -4.70
C ARG B 103 19.66 -1.51 -5.91
N HIS B 104 20.58 -0.89 -6.72
CA HIS B 104 21.04 -1.59 -7.90
C HIS B 104 21.84 -2.80 -7.54
N ARG B 105 22.64 -2.72 -6.48
CA ARG B 105 23.43 -3.88 -6.09
C ARG B 105 22.55 -5.01 -5.55
N ALA B 106 21.47 -4.68 -4.80
CA ALA B 106 20.50 -5.72 -4.40
C ALA B 106 19.79 -6.35 -5.56
N ALA B 107 19.43 -5.53 -6.58
CA ALA B 107 18.76 -6.06 -7.75
C ALA B 107 19.65 -7.05 -8.49
N VAL B 108 20.90 -6.63 -8.78
CA VAL B 108 21.76 -7.60 -9.45
C VAL B 108 21.96 -8.84 -8.59
N GLY B 109 22.10 -8.66 -7.27
CA GLY B 109 22.30 -9.74 -6.34
C GLY B 109 21.23 -10.81 -6.41
N ILE B 110 19.94 -10.39 -6.38
CA ILE B 110 18.93 -11.42 -6.46
C ILE B 110 18.93 -12.07 -7.85
N SER B 111 19.28 -11.25 -8.87
CA SER B 111 19.26 -11.79 -10.23
C SER B 111 20.37 -12.80 -10.47
N GLU B 112 21.38 -12.89 -9.60
CA GLU B 112 22.42 -13.92 -9.73
C GLU B 112 22.01 -15.27 -9.18
N VAL B 113 20.89 -15.35 -8.44
CA VAL B 113 20.57 -16.57 -7.71
C VAL B 113 19.13 -16.98 -7.98
N THR B 114 18.45 -16.25 -8.88
CA THR B 114 17.14 -16.58 -9.34
C THR B 114 17.00 -16.13 -10.74
N ASP B 115 15.96 -16.54 -11.38
CA ASP B 115 15.56 -16.09 -12.73
C ASP B 115 14.57 -14.94 -12.71
N SER B 116 14.52 -14.21 -11.59
CA SER B 116 13.58 -13.09 -11.49
C SER B 116 14.00 -11.93 -12.32
N LEU B 117 13.09 -11.02 -12.56
CA LEU B 117 13.37 -9.75 -13.24
C LEU B 117 13.19 -8.66 -12.21
N THR B 118 14.16 -7.82 -12.04
CA THR B 118 14.06 -6.71 -11.09
C THR B 118 14.15 -5.41 -11.80
N ILE B 119 13.29 -4.45 -11.51
CA ILE B 119 13.29 -3.10 -12.00
C ILE B 119 13.79 -2.14 -10.96
N ILE B 120 14.64 -1.20 -11.32
CA ILE B 120 15.22 -0.26 -10.37
C ILE B 120 14.98 1.13 -10.90
N VAL B 121 14.49 2.09 -10.06
CA VAL B 121 14.46 3.48 -10.39
C VAL B 121 15.47 4.18 -9.54
N SER B 122 16.39 4.95 -10.15
CA SER B 122 17.37 5.66 -9.38
C SER B 122 16.79 6.94 -8.78
N GLU B 123 17.05 7.11 -7.49
CA GLU B 123 16.65 8.38 -6.83
C GLU B 123 17.56 9.53 -7.19
N GLU B 124 18.70 9.24 -7.84
CA GLU B 124 19.60 10.30 -8.22
C GLU B 124 19.20 10.90 -9.55
N THR B 125 18.96 10.02 -10.51
CA THR B 125 18.76 10.48 -11.89
C THR B 125 17.39 10.21 -12.45
N GLY B 126 16.58 9.41 -11.78
CA GLY B 126 15.34 8.95 -12.35
C GLY B 126 15.47 7.83 -13.39
N GLY B 127 16.71 7.43 -13.72
CA GLY B 127 16.93 6.38 -14.72
C GLY B 127 16.31 5.11 -14.26
N VAL B 128 15.85 4.32 -15.26
CA VAL B 128 15.23 3.02 -15.08
C VAL B 128 16.15 1.92 -15.52
N SER B 129 16.42 0.94 -14.68
CA SER B 129 17.27 -0.21 -15.07
C SER B 129 16.53 -1.51 -14.83
N VAL B 130 17.05 -2.61 -15.35
CA VAL B 130 16.58 -3.95 -15.11
C VAL B 130 17.72 -4.87 -14.82
N ALA B 131 17.64 -5.71 -13.80
CA ALA B 131 18.56 -6.73 -13.50
C ALA B 131 17.96 -8.05 -13.83
N LYS B 132 18.70 -8.92 -14.60
CA LYS B 132 18.27 -10.24 -14.96
C LYS B 132 19.55 -11.08 -15.19
N ASN B 133 19.58 -12.29 -14.58
CA ASN B 133 20.70 -13.20 -14.85
C ASN B 133 22.02 -12.59 -14.63
N GLY B 134 22.18 -11.74 -13.62
CA GLY B 134 23.44 -11.19 -13.25
C GLY B 134 23.88 -9.95 -14.00
N ASP B 135 23.09 -9.50 -14.92
CA ASP B 135 23.40 -8.33 -15.76
C ASP B 135 22.45 -7.18 -15.42
N LEU B 136 23.00 -5.99 -15.43
CA LEU B 136 22.24 -4.77 -15.23
C LEU B 136 22.12 -4.03 -16.54
N HIS B 137 20.97 -3.69 -17.01
CA HIS B 137 20.69 -2.93 -18.19
C HIS B 137 20.10 -1.56 -17.82
N ARG B 138 20.81 -0.53 -18.12
CA ARG B 138 20.52 0.83 -17.61
C ARG B 138 19.84 1.69 -18.61
N GLU B 139 19.30 2.82 -18.12
CA GLU B 139 18.83 3.89 -18.93
C GLU B 139 17.76 3.48 -19.94
N LEU B 140 16.79 2.67 -19.47
CA LEU B 140 15.77 2.13 -20.33
C LEU B 140 14.75 3.16 -20.69
N THR B 141 14.32 3.16 -21.94
CA THR B 141 13.17 3.94 -22.29
C THR B 141 11.90 3.24 -21.80
N GLU B 142 10.78 3.97 -21.83
CA GLU B 142 9.52 3.32 -21.42
C GLU B 142 9.22 2.16 -22.31
N GLU B 143 9.44 2.32 -23.62
CA GLU B 143 9.09 1.26 -24.53
C GLU B 143 9.93 0.03 -24.26
N ALA B 144 11.25 0.21 -24.09
CA ALA B 144 12.14 -0.90 -23.76
C ALA B 144 11.66 -1.65 -22.54
N LEU B 145 11.25 -0.92 -21.51
CA LEU B 145 10.88 -1.64 -20.30
C LEU B 145 9.65 -2.48 -20.54
N LYS B 146 8.65 -1.90 -21.18
CA LYS B 146 7.42 -2.61 -21.49
C LYS B 146 7.69 -3.86 -22.32
N GLU B 147 8.53 -3.72 -23.35
CA GLU B 147 8.85 -4.89 -24.15
C GLU B 147 9.55 -5.94 -23.33
N MET B 148 10.46 -5.53 -22.41
CA MET B 148 11.14 -6.49 -21.58
C MET B 148 10.12 -7.28 -20.73
N LEU B 149 9.15 -6.54 -20.18
CA LEU B 149 8.15 -7.18 -19.32
C LEU B 149 7.29 -8.12 -20.15
N GLU B 150 6.86 -7.65 -21.36
CA GLU B 150 6.01 -8.50 -22.20
C GLU B 150 6.74 -9.80 -22.56
N ALA B 151 8.04 -9.69 -22.81
CA ALA B 151 8.86 -10.88 -23.17
C ALA B 151 9.01 -11.81 -21.98
N GLU B 152 9.15 -11.24 -20.77
CA GLU B 152 9.20 -12.07 -19.57
C GLU B 152 7.88 -12.84 -19.40
N PHE B 153 6.80 -12.34 -19.99
CA PHE B 153 5.38 -12.82 -20.00
C PHE B 153 4.91 -12.70 -18.52
C10 U8O C . -14.87 11.95 1.24
C02 U8O C . -15.88 11.11 0.73
C05 U8O C . -13.78 11.26 1.74
C07 U8O C . -12.71 13.24 2.32
C08 U8O C . -13.76 14.00 1.85
C09 U8O C . -14.86 13.36 1.31
N01 U8O C . -17.11 11.66 0.17
N03 U8O C . -15.69 9.81 0.79
N06 U8O C . -12.73 11.91 2.27
S04 U8O C . -14.18 9.58 1.50
MG MG D . 22.23 2.25 -23.00
#